data_9CSL
#
_entry.id   9CSL
#
_cell.length_a   191.110
_cell.length_b   191.110
_cell.length_c   96.630
_cell.angle_alpha   90.000
_cell.angle_beta   90.000
_cell.angle_gamma   120.000
#
_symmetry.space_group_name_H-M   'P 6 2 2'
#
loop_
_entity.id
_entity.type
_entity.pdbx_description
1 polymer 'Geranylgeranyl pyrophosphate synthase'
2 non-polymer '3-METHYLBUT-3-ENYL TRIHYDROGEN DIPHOSPHATE'
3 non-polymer 'CHLORIDE ION'
4 non-polymer 'SULFATE ION'
5 water water
#
_entity_poly.entity_id   1
_entity_poly.type   'polypeptide(L)'
_entity_poly.pdbx_seq_one_letter_code
;MHHHHHHSSGVDLGTENLYFQSMEKTQETVQRILLEPYKYLLQLPGKQVRTKLSQAFNHWLKVPEDKLQIIIEVTEMLHN
ASLLIDDIEDNSKLRRGFPVAHSIYGIPSVINSANYVYFLGLEKVLTLDHPDAVKLFTRQLLELHQGQGLDIYWRDNYTC
PTEEEYKAMVLQKTGGLFGLAVGLMQLFSDYKEDLKPLLNTLGLFFQIRDDYANLHSKEYSENKSFCEDLTEGKFSFPTI
HAIWSRPESTQVQNILRQRTENIDIKKDLVHYLEDVGSFEYTRNTLKELEAKAYKQIDARGGNPELVALVKHLSKMFKEE
NE
;
_entity_poly.pdbx_strand_id   A,B
#
# COMPACT_ATOMS: atom_id res chain seq x y z
N MET A 23 -26.14 5.39 1.37
CA MET A 23 -24.67 5.66 1.28
C MET A 23 -24.05 5.69 2.68
N GLU A 24 -24.81 6.11 3.72
CA GLU A 24 -24.35 6.12 5.11
C GLU A 24 -24.19 4.70 5.66
N LYS A 25 -25.27 3.89 5.62
CA LYS A 25 -25.25 2.54 6.18
C LYS A 25 -24.17 1.68 5.50
N THR A 26 -24.07 1.74 4.17
CA THR A 26 -23.19 0.79 3.49
C THR A 26 -21.78 1.39 3.33
N GLN A 27 -21.59 2.71 3.29
CA GLN A 27 -20.24 3.25 3.40
C GLN A 27 -19.62 2.80 4.72
N GLU A 28 -20.46 2.70 5.75
CA GLU A 28 -20.02 2.38 7.10
C GLU A 28 -19.72 0.89 7.18
N THR A 29 -20.53 0.07 6.53
CA THR A 29 -20.25 -1.35 6.47
C THR A 29 -18.91 -1.56 5.74
N VAL A 30 -18.70 -0.84 4.63
CA VAL A 30 -17.52 -1.07 3.81
C VAL A 30 -16.29 -0.68 4.63
N GLN A 31 -16.37 0.48 5.26
CA GLN A 31 -15.25 0.97 6.03
C GLN A 31 -14.92 0.00 7.16
N ARG A 32 -15.95 -0.57 7.78
CA ARG A 32 -15.73 -1.48 8.88
C ARG A 32 -15.10 -2.79 8.39
N ILE A 33 -15.61 -3.32 7.28
CA ILE A 33 -15.00 -4.47 6.63
C ILE A 33 -13.52 -4.19 6.38
N LEU A 34 -13.22 -3.04 5.76
CA LEU A 34 -11.86 -2.79 5.29
C LEU A 34 -10.92 -2.59 6.45
N LEU A 35 -11.45 -2.13 7.60
CA LEU A 35 -10.62 -1.81 8.75
C LEU A 35 -10.50 -2.96 9.75
N GLU A 36 -11.06 -4.11 9.47
CA GLU A 36 -11.14 -5.15 10.48
C GLU A 36 -9.74 -5.55 10.92
N PRO A 37 -8.79 -5.85 10.02
CA PRO A 37 -7.45 -6.24 10.47
C PRO A 37 -6.77 -5.18 11.29
N TYR A 38 -6.99 -3.92 10.89
CA TYR A 38 -6.38 -2.81 11.57
C TYR A 38 -6.96 -2.68 13.00
N LYS A 39 -8.27 -2.83 13.14
CA LYS A 39 -8.90 -2.71 14.46
C LYS A 39 -8.50 -3.86 15.37
N TYR A 40 -8.28 -5.05 14.78
CA TYR A 40 -7.75 -6.16 15.53
C TYR A 40 -6.46 -5.76 16.23
N LEU A 41 -5.54 -5.15 15.50
CA LEU A 41 -4.25 -4.81 16.08
C LEU A 41 -4.40 -3.68 17.09
N LEU A 42 -5.15 -2.66 16.71
CA LEU A 42 -5.32 -1.47 17.53
C LEU A 42 -5.84 -1.81 18.93
N GLN A 43 -6.74 -2.80 19.05
CA GLN A 43 -7.34 -3.14 20.33
C GLN A 43 -6.40 -3.99 21.18
N LEU A 44 -5.27 -4.46 20.64
CA LEU A 44 -4.31 -5.19 21.44
C LEU A 44 -3.63 -4.24 22.42
N PRO A 45 -3.31 -4.71 23.64
CA PRO A 45 -2.56 -3.90 24.60
C PRO A 45 -1.21 -3.45 24.04
N GLY A 46 -0.92 -2.16 24.19
CA GLY A 46 0.20 -1.49 23.53
C GLY A 46 0.55 -0.25 24.34
N LYS A 47 1.61 0.49 23.97
CA LYS A 47 2.12 1.54 24.84
C LYS A 47 1.68 2.95 24.41
N GLN A 48 1.32 3.10 23.12
CA GLN A 48 1.03 4.39 22.50
C GLN A 48 2.13 5.40 22.81
N VAL A 49 3.37 4.94 22.64
CA VAL A 49 4.51 5.83 22.86
C VAL A 49 4.41 7.06 21.96
N ARG A 50 3.93 6.93 20.72
CA ARG A 50 3.85 8.08 19.82
C ARG A 50 2.86 9.11 20.34
N THR A 51 1.79 8.64 21.02
CA THR A 51 0.82 9.54 21.62
C THR A 51 1.51 10.31 22.75
N LYS A 52 2.19 9.53 23.58
CA LYS A 52 2.81 10.02 24.80
C LYS A 52 3.95 10.96 24.45
N LEU A 53 4.72 10.62 23.42
CA LEU A 53 5.82 11.45 22.97
C LEU A 53 5.28 12.77 22.46
N SER A 54 4.22 12.71 21.63
CA SER A 54 3.69 13.91 21.02
C SER A 54 3.17 14.82 22.12
N GLN A 55 2.45 14.25 23.08
CA GLN A 55 1.91 15.04 24.16
C GLN A 55 3.07 15.68 24.93
N ALA A 56 4.13 14.90 25.23
CA ALA A 56 5.25 15.43 25.99
C ALA A 56 5.94 16.55 25.20
N PHE A 57 6.05 16.40 23.88
CA PHE A 57 6.71 17.39 23.04
C PHE A 57 5.90 18.68 23.00
N ASN A 58 4.60 18.59 23.27
CA ASN A 58 3.73 19.75 23.23
C ASN A 58 4.02 20.70 24.40
N HIS A 59 4.71 20.19 25.43
CA HIS A 59 5.29 21.04 26.46
C HIS A 59 6.08 22.19 25.84
N TRP A 60 6.83 21.94 24.78
CA TRP A 60 7.55 22.96 24.05
C TRP A 60 6.68 23.63 23.00
N LEU A 61 5.97 22.85 22.17
CA LEU A 61 5.43 23.40 20.95
C LEU A 61 4.09 24.10 21.17
N LYS A 62 3.29 23.71 22.15
CA LYS A 62 2.08 24.46 22.47
C LYS A 62 1.14 24.48 21.27
N VAL A 63 1.01 23.33 20.61
CA VAL A 63 0.08 23.15 19.52
C VAL A 63 -1.34 23.16 20.11
N PRO A 64 -2.30 23.85 19.47
CA PRO A 64 -3.70 23.75 19.91
C PRO A 64 -4.15 22.31 19.95
N GLU A 65 -4.94 21.95 20.97
CA GLU A 65 -5.44 20.61 21.18
C GLU A 65 -6.11 20.02 19.95
N ASP A 66 -6.90 20.78 19.22
CA ASP A 66 -7.62 20.23 18.08
C ASP A 66 -6.62 19.78 17.01
N LYS A 67 -5.55 20.56 16.76
CA LYS A 67 -4.56 20.18 15.75
C LYS A 67 -3.74 19.01 16.29
N LEU A 68 -3.42 19.06 17.58
CA LEU A 68 -2.59 18.03 18.16
C LEU A 68 -3.28 16.67 18.07
N GLN A 69 -4.59 16.64 18.32
N GLN A 69 -4.60 16.64 18.31
CA GLN A 69 -5.38 15.41 18.29
CA GLN A 69 -5.32 15.37 18.32
C GLN A 69 -5.33 14.81 16.90
C GLN A 69 -5.34 14.81 16.91
N ILE A 70 -5.51 15.64 15.87
CA ILE A 70 -5.40 15.16 14.51
C ILE A 70 -4.02 14.57 14.24
N ILE A 71 -2.97 15.27 14.68
CA ILE A 71 -1.62 14.85 14.40
C ILE A 71 -1.36 13.50 15.04
N ILE A 72 -1.79 13.36 16.31
CA ILE A 72 -1.62 12.14 17.05
C ILE A 72 -2.37 10.99 16.37
N GLU A 73 -3.60 11.23 15.88
CA GLU A 73 -4.36 10.22 15.21
C GLU A 73 -3.66 9.77 13.92
N VAL A 74 -3.21 10.73 13.12
CA VAL A 74 -2.46 10.41 11.91
C VAL A 74 -1.27 9.52 12.25
N THR A 75 -0.51 9.92 13.27
CA THR A 75 0.72 9.24 13.64
C THR A 75 0.43 7.81 14.09
N GLU A 76 -0.58 7.63 14.97
CA GLU A 76 -0.96 6.32 15.47
C GLU A 76 -1.53 5.45 14.34
N MET A 77 -2.30 6.04 13.42
CA MET A 77 -2.86 5.31 12.30
C MET A 77 -1.70 4.73 11.50
N LEU A 78 -0.76 5.60 11.12
CA LEU A 78 0.35 5.18 10.25
C LEU A 78 1.21 4.17 10.97
N HIS A 79 1.38 4.33 12.27
CA HIS A 79 2.20 3.42 13.06
C HIS A 79 1.56 2.03 13.04
N ASN A 80 0.27 1.96 13.40
CA ASN A 80 -0.39 0.66 13.44
C ASN A 80 -0.42 0.01 12.06
N ALA A 81 -0.74 0.78 11.01
CA ALA A 81 -0.77 0.23 9.67
C ALA A 81 0.61 -0.32 9.31
N SER A 82 1.66 0.41 9.67
CA SER A 82 3.02 0.01 9.32
C SER A 82 3.38 -1.29 10.05
N LEU A 83 2.83 -1.52 11.26
CA LEU A 83 3.11 -2.73 11.98
C LEU A 83 2.47 -3.90 11.26
N LEU A 84 1.25 -3.74 10.75
CA LEU A 84 0.58 -4.79 10.00
C LEU A 84 1.51 -5.23 8.87
N ILE A 85 2.04 -4.23 8.16
CA ILE A 85 2.88 -4.48 7.01
C ILE A 85 4.20 -5.11 7.45
N ASP A 86 4.82 -4.54 8.49
N ASP A 86 4.82 -4.56 8.49
CA ASP A 86 6.09 -5.05 9.02
CA ASP A 86 6.08 -5.05 9.01
C ASP A 86 5.98 -6.54 9.32
C ASP A 86 5.98 -6.54 9.32
N ASP A 87 4.89 -6.93 10.00
CA ASP A 87 4.70 -8.31 10.39
C ASP A 87 4.62 -9.23 9.18
N ILE A 88 4.00 -8.80 8.08
CA ILE A 88 4.04 -9.56 6.86
C ILE A 88 5.45 -9.57 6.29
N GLU A 89 6.11 -8.41 6.31
CA GLU A 89 7.39 -8.28 5.62
C GLU A 89 8.48 -9.13 6.29
N ASP A 90 8.37 -9.46 7.59
CA ASP A 90 9.42 -10.24 8.21
C ASP A 90 8.89 -11.60 8.65
N ASN A 91 7.69 -11.99 8.22
CA ASN A 91 7.12 -13.26 8.59
C ASN A 91 7.02 -13.43 10.13
N SER A 92 6.70 -12.37 10.87
CA SER A 92 6.40 -12.52 12.28
C SER A 92 5.16 -13.39 12.50
N LYS A 93 5.13 -14.05 13.66
CA LYS A 93 4.01 -14.90 14.06
C LYS A 93 3.17 -14.24 15.15
N LEU A 94 3.79 -13.44 16.03
CA LEU A 94 3.09 -12.78 17.11
C LEU A 94 3.36 -11.27 17.09
N ARG A 95 2.37 -10.52 17.61
CA ARG A 95 2.44 -9.07 17.79
C ARG A 95 1.66 -8.73 19.07
N ARG A 96 2.30 -8.05 20.03
CA ARG A 96 1.65 -7.68 21.29
C ARG A 96 1.06 -8.94 21.94
N GLY A 97 1.78 -10.06 21.82
CA GLY A 97 1.45 -11.30 22.49
C GLY A 97 0.46 -12.18 21.74
N PHE A 98 -0.16 -11.65 20.67
CA PHE A 98 -1.24 -12.35 19.98
C PHE A 98 -0.83 -12.70 18.55
N PRO A 99 -1.57 -13.58 17.86
CA PRO A 99 -1.27 -13.86 16.46
C PRO A 99 -1.26 -12.60 15.62
N VAL A 100 -0.28 -12.50 14.73
CA VAL A 100 -0.26 -11.41 13.77
C VAL A 100 -1.55 -11.39 12.95
N ALA A 101 -1.98 -10.19 12.57
CA ALA A 101 -3.23 -10.02 11.86
C ALA A 101 -3.33 -10.93 10.62
N HIS A 102 -2.25 -11.07 9.86
CA HIS A 102 -2.37 -11.80 8.61
C HIS A 102 -2.55 -13.32 8.82
N SER A 103 -2.21 -13.84 10.01
CA SER A 103 -2.49 -15.23 10.29
C SER A 103 -3.97 -15.42 10.53
N ILE A 104 -4.68 -14.36 10.90
CA ILE A 104 -6.10 -14.44 11.13
C ILE A 104 -6.85 -14.08 9.85
N TYR A 105 -6.51 -12.96 9.23
CA TYR A 105 -7.35 -12.39 8.18
C TYR A 105 -6.81 -12.71 6.78
N GLY A 106 -5.60 -13.28 6.69
CA GLY A 106 -4.92 -13.43 5.42
C GLY A 106 -4.08 -12.19 5.04
N ILE A 107 -3.00 -12.45 4.30
CA ILE A 107 -2.13 -11.42 3.77
C ILE A 107 -2.93 -10.45 2.90
N PRO A 108 -3.80 -10.90 1.97
CA PRO A 108 -4.50 -9.96 1.11
C PRO A 108 -5.27 -8.89 1.86
N SER A 109 -6.09 -9.32 2.83
N SER A 109 -6.09 -9.32 2.84
CA SER A 109 -6.94 -8.37 3.53
CA SER A 109 -6.94 -8.37 3.52
C SER A 109 -6.09 -7.42 4.38
C SER A 109 -6.10 -7.43 4.39
N VAL A 110 -4.99 -7.93 4.96
CA VAL A 110 -4.13 -7.10 5.78
C VAL A 110 -3.40 -6.04 4.95
N ILE A 111 -2.85 -6.42 3.78
CA ILE A 111 -2.20 -5.44 2.92
C ILE A 111 -3.23 -4.35 2.64
N ASN A 112 -4.44 -4.77 2.24
CA ASN A 112 -5.45 -3.83 1.80
C ASN A 112 -5.82 -2.89 2.95
N SER A 113 -5.96 -3.46 4.14
CA SER A 113 -6.38 -2.72 5.31
C SER A 113 -5.31 -1.69 5.69
N ALA A 114 -4.07 -2.15 5.82
CA ALA A 114 -2.98 -1.27 6.17
C ALA A 114 -2.84 -0.15 5.16
N ASN A 115 -2.92 -0.48 3.88
CA ASN A 115 -2.73 0.53 2.84
C ASN A 115 -3.89 1.51 2.84
N TYR A 116 -5.11 1.01 3.10
CA TYR A 116 -6.28 1.88 3.18
C TYR A 116 -6.06 2.88 4.32
N VAL A 117 -5.55 2.40 5.45
CA VAL A 117 -5.27 3.29 6.57
C VAL A 117 -4.22 4.36 6.20
N TYR A 118 -3.23 4.00 5.39
CA TYR A 118 -2.27 4.99 4.94
C TYR A 118 -3.02 6.15 4.27
N PHE A 119 -3.98 5.85 3.41
CA PHE A 119 -4.62 6.88 2.65
C PHE A 119 -5.68 7.59 3.50
N LEU A 120 -6.29 6.91 4.47
CA LEU A 120 -7.14 7.58 5.43
C LEU A 120 -6.29 8.55 6.25
N GLY A 121 -5.01 8.21 6.50
CA GLY A 121 -4.10 9.10 7.21
C GLY A 121 -3.83 10.35 6.39
N LEU A 122 -3.58 10.16 5.08
CA LEU A 122 -3.41 11.26 4.15
C LEU A 122 -4.65 12.16 4.19
N GLU A 123 -5.83 11.56 4.12
CA GLU A 123 -7.07 12.32 4.15
C GLU A 123 -7.15 13.15 5.41
N LYS A 124 -6.78 12.55 6.54
CA LYS A 124 -6.82 13.29 7.79
C LYS A 124 -5.77 14.42 7.83
N VAL A 125 -4.57 14.20 7.27
CA VAL A 125 -3.58 15.27 7.15
C VAL A 125 -4.15 16.46 6.38
N LEU A 126 -4.97 16.19 5.37
CA LEU A 126 -5.58 17.30 4.64
C LEU A 126 -6.49 18.13 5.56
N THR A 127 -7.07 17.55 6.61
CA THR A 127 -7.94 18.35 7.47
C THR A 127 -7.11 19.33 8.29
N LEU A 128 -5.78 19.19 8.35
CA LEU A 128 -4.99 20.13 9.11
C LEU A 128 -5.05 21.50 8.44
N ASP A 129 -5.36 21.49 7.14
CA ASP A 129 -5.48 22.68 6.33
C ASP A 129 -4.20 23.50 6.43
N HIS A 130 -3.04 22.88 6.25
CA HIS A 130 -1.80 23.62 6.17
C HIS A 130 -1.10 23.25 4.87
N PRO A 131 -0.67 24.23 4.07
CA PRO A 131 -0.11 23.94 2.76
C PRO A 131 1.13 23.06 2.80
N ASP A 132 1.87 23.03 3.92
CA ASP A 132 3.09 22.22 3.98
C ASP A 132 2.83 20.81 4.51
N ALA A 133 1.63 20.51 5.03
CA ALA A 133 1.46 19.25 5.75
C ALA A 133 1.64 18.04 4.84
N VAL A 134 1.09 18.10 3.64
CA VAL A 134 1.13 16.99 2.72
C VAL A 134 2.55 16.75 2.23
N LYS A 135 3.30 17.83 2.05
CA LYS A 135 4.69 17.75 1.63
C LYS A 135 5.46 16.99 2.69
N LEU A 136 5.26 17.37 3.95
CA LEU A 136 5.93 16.66 5.02
C LEU A 136 5.46 15.21 5.08
N PHE A 137 4.15 14.95 4.97
CA PHE A 137 3.69 13.58 5.05
C PHE A 137 4.32 12.74 3.94
N THR A 138 4.39 13.28 2.74
CA THR A 138 4.96 12.58 1.59
C THR A 138 6.42 12.23 1.85
N ARG A 139 7.18 13.24 2.27
CA ARG A 139 8.58 13.04 2.58
C ARG A 139 8.76 11.93 3.62
N GLN A 140 8.00 11.98 4.71
CA GLN A 140 8.21 11.04 5.81
C GLN A 140 7.79 9.62 5.42
N LEU A 141 6.73 9.50 4.61
CA LEU A 141 6.30 8.19 4.11
C LEU A 141 7.34 7.61 3.16
N LEU A 142 7.97 8.46 2.35
CA LEU A 142 9.02 8.01 1.46
C LEU A 142 10.23 7.53 2.27
N GLU A 143 10.63 8.27 3.31
CA GLU A 143 11.66 7.84 4.23
C GLU A 143 11.36 6.48 4.88
N LEU A 144 10.12 6.35 5.39
CA LEU A 144 9.67 5.14 6.05
C LEU A 144 9.87 3.96 5.09
N HIS A 145 9.45 4.12 3.85
CA HIS A 145 9.52 3.03 2.87
C HIS A 145 10.96 2.71 2.47
N GLN A 146 11.80 3.73 2.42
CA GLN A 146 13.22 3.52 2.17
C GLN A 146 13.85 2.67 3.26
N GLY A 147 13.59 3.04 4.51
CA GLY A 147 14.03 2.26 5.67
C GLY A 147 13.55 0.81 5.63
N GLN A 148 12.24 0.61 5.43
CA GLN A 148 11.62 -0.69 5.40
C GLN A 148 12.26 -1.50 4.29
N GLY A 149 12.46 -0.89 3.12
CA GLY A 149 12.92 -1.56 1.92
C GLY A 149 14.35 -2.07 2.08
N LEU A 150 15.18 -1.31 2.76
CA LEU A 150 16.53 -1.75 3.11
C LEU A 150 16.49 -2.92 4.08
N ASP A 151 15.71 -2.76 5.12
CA ASP A 151 15.52 -3.79 6.13
C ASP A 151 15.20 -5.10 5.43
N ILE A 152 14.26 -5.06 4.50
CA ILE A 152 13.84 -6.25 3.78
C ILE A 152 14.99 -6.79 2.94
N TYR A 153 15.66 -5.90 2.21
CA TYR A 153 16.70 -6.31 1.30
C TYR A 153 17.82 -7.04 2.04
N TRP A 154 18.24 -6.50 3.18
CA TRP A 154 19.28 -7.11 3.96
C TRP A 154 18.85 -8.50 4.40
N ARG A 155 17.62 -8.60 4.90
CA ARG A 155 17.09 -9.84 5.46
C ARG A 155 16.99 -10.89 4.36
N ASP A 156 16.46 -10.53 3.18
CA ASP A 156 16.31 -11.45 2.08
C ASP A 156 17.65 -11.99 1.58
N ASN A 157 18.73 -11.21 1.73
CA ASN A 157 20.02 -11.61 1.24
C ASN A 157 20.94 -12.10 2.37
N TYR A 158 20.42 -12.21 3.61
CA TYR A 158 21.19 -12.62 4.78
C TYR A 158 22.42 -11.72 4.96
N THR A 159 22.36 -10.47 4.51
CA THR A 159 23.48 -9.59 4.74
C THR A 159 23.19 -8.77 5.98
N CYS A 160 23.80 -9.18 7.09
CA CYS A 160 23.66 -8.57 8.40
C CYS A 160 24.20 -7.14 8.35
N PRO A 161 23.38 -6.10 8.63
CA PRO A 161 23.92 -4.74 8.64
C PRO A 161 24.95 -4.58 9.76
N THR A 162 25.88 -3.64 9.57
CA THR A 162 26.70 -3.17 10.68
C THR A 162 25.83 -2.35 11.59
N GLU A 163 26.38 -2.09 12.77
CA GLU A 163 25.74 -1.24 13.75
C GLU A 163 25.38 0.10 13.10
N GLU A 164 26.30 0.66 12.31
CA GLU A 164 26.09 1.97 11.75
C GLU A 164 25.04 1.93 10.66
N GLU A 165 25.05 0.89 9.83
CA GLU A 165 24.04 0.76 8.79
C GLU A 165 22.65 0.59 9.41
N TYR A 166 22.59 -0.21 10.50
CA TYR A 166 21.34 -0.47 11.16
C TYR A 166 20.73 0.83 11.69
N LYS A 167 21.55 1.61 12.38
CA LYS A 167 21.15 2.89 12.93
C LYS A 167 20.61 3.83 11.88
N ALA A 168 21.30 3.95 10.75
CA ALA A 168 20.85 4.83 9.70
C ALA A 168 19.50 4.37 9.19
N MET A 169 19.36 3.04 9.02
CA MET A 169 18.09 2.47 8.54
C MET A 169 16.98 2.74 9.55
N VAL A 170 17.27 2.58 10.85
CA VAL A 170 16.28 2.74 11.88
C VAL A 170 15.77 4.18 11.94
N LEU A 171 16.66 5.13 11.77
CA LEU A 171 16.28 6.54 11.76
C LEU A 171 15.31 6.85 10.63
N GLN A 172 15.39 6.13 9.50
CA GLN A 172 14.35 6.23 8.48
C GLN A 172 13.09 5.46 8.86
N LYS A 173 13.21 4.18 9.21
CA LYS A 173 12.08 3.27 9.36
C LYS A 173 11.29 3.59 10.62
N THR A 174 11.96 4.05 11.69
CA THR A 174 11.34 4.31 12.99
C THR A 174 11.26 5.81 13.21
N GLY A 175 12.35 6.50 12.89
CA GLY A 175 12.38 7.95 13.09
C GLY A 175 11.50 8.73 12.12
N GLY A 176 11.28 8.19 10.91
CA GLY A 176 10.36 8.73 9.92
C GLY A 176 9.01 9.15 10.52
N LEU A 177 8.42 8.34 11.40
CA LEU A 177 7.11 8.62 11.94
C LEU A 177 7.19 9.60 13.10
N PHE A 178 8.27 9.49 13.90
CA PHE A 178 8.51 10.46 14.97
C PHE A 178 8.69 11.85 14.39
N GLY A 179 9.41 11.90 13.28
CA GLY A 179 9.68 13.10 12.53
C GLY A 179 8.38 13.68 11.96
N LEU A 180 7.44 12.80 11.59
CA LEU A 180 6.19 13.26 11.02
C LEU A 180 5.39 13.97 12.12
N ALA A 181 5.30 13.35 13.28
CA ALA A 181 4.47 13.87 14.35
C ALA A 181 5.00 15.25 14.72
N VAL A 182 6.30 15.30 15.04
CA VAL A 182 6.87 16.54 15.53
C VAL A 182 6.92 17.59 14.44
N GLY A 183 7.23 17.18 13.22
CA GLY A 183 7.25 18.13 12.10
C GLY A 183 5.86 18.74 11.83
N LEU A 184 4.80 17.92 11.93
CA LEU A 184 3.46 18.42 11.77
C LEU A 184 3.16 19.37 12.92
N MET A 185 3.54 19.02 14.14
CA MET A 185 3.41 19.94 15.26
C MET A 185 4.12 21.27 14.99
N GLN A 186 5.31 21.26 14.38
CA GLN A 186 6.12 22.44 14.15
C GLN A 186 5.40 23.36 13.15
N LEU A 187 4.56 22.80 12.28
CA LEU A 187 3.74 23.62 11.41
C LEU A 187 2.76 24.49 12.19
N PHE A 188 2.39 24.11 13.42
CA PHE A 188 1.40 24.82 14.22
C PHE A 188 2.03 25.38 15.48
N SER A 189 3.29 25.84 15.38
CA SER A 189 4.03 26.29 16.56
C SER A 189 5.12 27.27 16.14
N ASP A 190 5.29 28.30 16.97
CA ASP A 190 6.37 29.27 16.80
C ASP A 190 7.63 28.80 17.54
N TYR A 191 7.62 27.63 18.16
CA TYR A 191 8.78 27.07 18.82
C TYR A 191 9.77 26.65 17.77
N LYS A 192 10.99 27.19 17.87
CA LYS A 192 11.95 27.12 16.77
C LYS A 192 13.24 26.39 17.14
N GLU A 193 13.32 25.79 18.33
CA GLU A 193 14.53 25.09 18.71
C GLU A 193 14.67 23.85 17.83
N ASP A 194 15.92 23.48 17.56
CA ASP A 194 16.20 22.27 16.80
C ASP A 194 15.90 21.04 17.66
N LEU A 195 14.89 20.26 17.24
CA LEU A 195 14.52 19.05 17.97
C LEU A 195 15.04 17.77 17.30
N LYS A 196 15.75 17.91 16.17
CA LYS A 196 16.19 16.75 15.41
C LYS A 196 17.19 15.91 16.21
N PRO A 197 18.19 16.48 16.90
CA PRO A 197 19.11 15.61 17.65
C PRO A 197 18.40 14.74 18.66
N LEU A 198 17.49 15.36 19.41
CA LEU A 198 16.74 14.65 20.43
C LEU A 198 15.85 13.58 19.78
N LEU A 199 15.21 13.92 18.67
CA LEU A 199 14.39 12.95 17.95
C LEU A 199 15.22 11.77 17.47
N ASN A 200 16.44 12.03 16.99
CA ASN A 200 17.32 10.96 16.56
C ASN A 200 17.64 10.03 17.72
N THR A 201 17.99 10.63 18.87
CA THR A 201 18.30 9.85 20.04
C THR A 201 17.09 9.00 20.42
N LEU A 202 15.91 9.63 20.45
CA LEU A 202 14.72 8.94 20.91
C LEU A 202 14.36 7.81 19.95
N GLY A 203 14.49 8.04 18.63
CA GLY A 203 14.15 7.02 17.66
C GLY A 203 15.04 5.79 17.83
N LEU A 204 16.35 6.01 17.99
CA LEU A 204 17.29 4.92 18.24
C LEU A 204 16.97 4.20 19.54
N PHE A 205 16.71 5.00 20.57
CA PHE A 205 16.40 4.46 21.89
C PHE A 205 15.19 3.53 21.80
N PHE A 206 14.10 4.00 21.21
CA PHE A 206 12.87 3.22 21.19
C PHE A 206 13.10 1.95 20.40
N GLN A 207 13.78 2.04 19.25
CA GLN A 207 13.98 0.87 18.40
C GLN A 207 14.82 -0.16 19.15
N ILE A 208 15.94 0.29 19.73
CA ILE A 208 16.88 -0.63 20.33
C ILE A 208 16.23 -1.24 21.57
N ARG A 209 15.41 -0.45 22.27
CA ARG A 209 14.71 -0.95 23.43
C ARG A 209 13.71 -2.03 23.00
N ASP A 210 13.04 -1.83 21.87
CA ASP A 210 12.14 -2.85 21.33
C ASP A 210 12.91 -4.13 20.99
N ASP A 211 14.05 -3.96 20.31
CA ASP A 211 14.93 -5.05 19.94
C ASP A 211 15.26 -5.84 21.21
N TYR A 212 15.65 -5.14 22.27
CA TYR A 212 15.99 -5.76 23.53
C TYR A 212 14.79 -6.47 24.15
N ALA A 213 13.64 -5.81 24.14
CA ALA A 213 12.46 -6.37 24.79
C ALA A 213 12.05 -7.65 24.09
N ASN A 214 12.13 -7.64 22.77
CA ASN A 214 11.73 -8.79 21.98
C ASN A 214 12.63 -9.99 22.25
N LEU A 215 13.91 -9.78 22.54
CA LEU A 215 14.82 -10.91 22.53
C LEU A 215 15.31 -11.30 23.92
N HIS A 216 15.12 -10.49 24.94
CA HIS A 216 15.64 -10.80 26.26
C HIS A 216 14.58 -11.55 27.07
N SER A 217 14.99 -12.63 27.77
CA SER A 217 14.07 -13.46 28.57
C SER A 217 14.21 -13.13 30.06
N ASN A 223 17.17 -17.37 24.79
CA ASN A 223 17.97 -17.77 23.61
C ASN A 223 17.05 -18.11 22.43
N LYS A 224 15.77 -18.44 22.67
CA LYS A 224 14.89 -19.05 21.67
C LYS A 224 14.58 -18.09 20.49
N SER A 225 13.96 -16.93 20.75
CA SER A 225 13.78 -15.90 19.70
C SER A 225 15.11 -15.43 19.12
N PHE A 226 16.13 -15.29 19.98
CA PHE A 226 17.45 -14.85 19.56
C PHE A 226 18.00 -15.80 18.50
N CYS A 227 18.01 -17.11 18.77
CA CYS A 227 18.58 -18.10 17.86
C CYS A 227 17.77 -18.22 16.57
N GLU A 228 16.45 -18.11 16.71
CA GLU A 228 15.55 -18.17 15.57
C GLU A 228 15.84 -17.00 14.64
N ASP A 229 15.95 -15.79 15.21
CA ASP A 229 16.36 -14.62 14.44
C ASP A 229 17.60 -14.92 13.61
N LEU A 230 18.64 -15.50 14.23
CA LEU A 230 19.91 -15.72 13.55
C LEU A 230 19.68 -16.69 12.41
N THR A 231 18.87 -17.71 12.68
CA THR A 231 18.57 -18.71 11.66
C THR A 231 17.92 -18.07 10.44
N GLU A 232 17.03 -17.09 10.71
N GLU A 232 17.02 -17.09 10.71
CA GLU A 232 16.16 -16.52 9.66
CA GLU A 232 16.15 -16.56 9.67
C GLU A 232 16.84 -15.37 8.91
C GLU A 232 16.67 -15.22 9.11
N GLY A 233 17.87 -14.78 9.51
CA GLY A 233 18.43 -13.55 8.97
C GLY A 233 17.64 -12.34 9.45
N LYS A 234 16.98 -12.48 10.60
CA LYS A 234 16.27 -11.36 11.23
C LYS A 234 17.27 -10.59 12.11
N PHE A 235 17.59 -9.40 11.66
CA PHE A 235 18.66 -8.56 12.24
C PHE A 235 18.04 -7.50 13.14
N SER A 236 18.49 -7.44 14.40
CA SER A 236 18.12 -6.42 15.37
C SER A 236 19.34 -6.18 16.24
N PHE A 237 19.29 -5.24 17.16
CA PHE A 237 20.52 -4.76 17.75
C PHE A 237 21.31 -5.90 18.39
N PRO A 238 20.68 -6.77 19.21
CA PRO A 238 21.43 -7.87 19.85
C PRO A 238 22.04 -8.88 18.89
N THR A 239 21.34 -9.23 17.81
CA THR A 239 21.87 -10.22 16.88
C THR A 239 22.95 -9.61 16.00
N ILE A 240 22.84 -8.31 15.72
CA ILE A 240 23.87 -7.62 14.97
C ILE A 240 25.18 -7.68 15.75
N HIS A 241 25.11 -7.36 17.03
CA HIS A 241 26.30 -7.44 17.83
C HIS A 241 26.88 -8.86 17.83
N ALA A 242 26.01 -9.85 18.02
CA ALA A 242 26.44 -11.26 18.10
C ALA A 242 27.12 -11.70 16.80
N ILE A 243 26.56 -11.31 15.66
CA ILE A 243 27.09 -11.76 14.39
C ILE A 243 28.45 -11.12 14.16
N TRP A 244 28.58 -9.80 14.31
CA TRP A 244 29.85 -9.14 14.02
C TRP A 244 30.90 -9.41 15.11
N SER A 245 30.51 -9.99 16.23
CA SER A 245 31.46 -10.36 17.27
C SER A 245 32.42 -11.48 16.87
N ARG A 246 32.07 -12.37 15.95
CA ARG A 246 32.93 -13.47 15.58
C ARG A 246 33.97 -12.99 14.56
N PRO A 247 35.26 -13.42 14.65
CA PRO A 247 36.29 -12.91 13.74
C PRO A 247 36.02 -13.27 12.28
N GLU A 248 35.38 -14.43 12.05
CA GLU A 248 35.12 -14.88 10.69
C GLU A 248 33.97 -14.08 10.09
N SER A 249 33.30 -13.25 10.91
CA SER A 249 32.17 -12.48 10.41
C SER A 249 32.52 -11.73 9.16
N THR A 250 33.67 -11.05 9.18
CA THR A 250 33.93 -10.16 8.05
C THR A 250 33.94 -10.96 6.74
N GLN A 251 34.68 -12.08 6.76
CA GLN A 251 34.83 -12.85 5.52
C GLN A 251 33.50 -13.53 5.15
N VAL A 252 32.70 -13.94 6.14
CA VAL A 252 31.39 -14.52 5.84
C VAL A 252 30.50 -13.42 5.21
N GLN A 253 30.41 -12.28 5.90
CA GLN A 253 29.57 -11.20 5.43
C GLN A 253 30.01 -10.72 4.07
N ASN A 254 31.31 -10.72 3.79
CA ASN A 254 31.79 -10.25 2.49
C ASN A 254 31.36 -11.19 1.37
N ILE A 255 31.40 -12.51 1.59
CA ILE A 255 30.82 -13.40 0.58
C ILE A 255 29.34 -13.08 0.36
N LEU A 256 28.59 -12.94 1.46
CA LEU A 256 27.15 -12.72 1.31
C LEU A 256 26.86 -11.38 0.62
N ARG A 257 27.70 -10.36 0.86
CA ARG A 257 27.47 -9.05 0.27
C ARG A 257 27.88 -9.01 -1.20
N GLN A 258 28.83 -9.85 -1.62
CA GLN A 258 29.18 -9.90 -3.04
C GLN A 258 27.98 -10.32 -3.90
N ARG A 259 27.05 -11.09 -3.34
N ARG A 259 27.04 -11.09 -3.34
CA ARG A 259 25.84 -11.51 -4.05
CA ARG A 259 25.85 -11.50 -4.08
C ARG A 259 24.87 -10.34 -4.28
C ARG A 259 24.87 -10.34 -4.28
N THR A 260 25.14 -9.17 -3.67
CA THR A 260 24.19 -8.06 -3.65
C THR A 260 24.86 -6.73 -4.03
N GLU A 261 24.03 -5.69 -4.15
CA GLU A 261 24.50 -4.32 -4.26
C GLU A 261 24.86 -3.77 -2.87
N ASN A 262 25.63 -4.54 -2.10
CA ASN A 262 26.07 -4.13 -0.77
C ASN A 262 27.54 -3.69 -0.81
N ILE A 263 27.82 -2.52 -0.19
CA ILE A 263 29.19 -2.03 -0.04
C ILE A 263 30.06 -3.04 0.76
N GLU A 274 34.40 -5.11 20.96
CA GLU A 274 33.75 -4.98 22.29
C GLU A 274 33.39 -6.37 22.82
N ASP A 275 34.33 -6.96 23.59
CA ASP A 275 34.30 -8.37 23.95
C ASP A 275 33.44 -8.57 25.19
N VAL A 276 32.12 -8.48 24.98
CA VAL A 276 31.10 -8.57 26.02
C VAL A 276 29.86 -9.24 25.40
N GLY A 277 28.94 -9.72 26.23
CA GLY A 277 27.72 -10.34 25.74
C GLY A 277 26.84 -9.37 24.95
N SER A 278 25.97 -9.90 24.10
CA SER A 278 25.15 -9.09 23.21
C SER A 278 24.06 -8.33 23.97
N PHE A 279 23.50 -8.95 25.01
CA PHE A 279 22.46 -8.33 25.81
C PHE A 279 23.08 -7.27 26.71
N GLU A 280 24.28 -7.52 27.23
CA GLU A 280 24.95 -6.54 28.04
C GLU A 280 25.31 -5.34 27.17
N TYR A 281 25.80 -5.60 25.97
CA TYR A 281 26.16 -4.54 25.06
C TYR A 281 24.92 -3.71 24.72
N THR A 282 23.77 -4.37 24.52
CA THR A 282 22.54 -3.67 24.21
C THR A 282 22.09 -2.82 25.39
N ARG A 283 22.17 -3.38 26.61
CA ARG A 283 21.84 -2.67 27.83
C ARG A 283 22.72 -1.44 27.98
N ASN A 284 24.02 -1.60 27.74
CA ASN A 284 24.93 -0.47 27.78
C ASN A 284 24.55 0.59 26.74
N THR A 285 24.21 0.17 25.51
CA THR A 285 23.85 1.12 24.47
C THR A 285 22.61 1.91 24.93
N LEU A 286 21.65 1.21 25.53
CA LEU A 286 20.41 1.81 25.97
C LEU A 286 20.67 2.83 27.07
N LYS A 287 21.55 2.50 28.01
CA LYS A 287 21.87 3.40 29.11
C LYS A 287 22.53 4.68 28.59
N GLU A 288 23.41 4.54 27.60
CA GLU A 288 24.01 5.69 26.95
C GLU A 288 22.94 6.53 26.26
N LEU A 289 22.01 5.89 25.54
CA LEU A 289 21.01 6.61 24.80
C LEU A 289 20.09 7.33 25.75
N GLU A 290 19.74 6.68 26.87
CA GLU A 290 18.93 7.29 27.91
C GLU A 290 19.61 8.56 28.46
N ALA A 291 20.88 8.46 28.83
CA ALA A 291 21.62 9.57 29.39
C ALA A 291 21.70 10.70 28.37
N LYS A 292 21.94 10.35 27.10
CA LYS A 292 22.00 11.36 26.07
C LYS A 292 20.66 12.08 25.93
N ALA A 293 19.58 11.32 25.93
CA ALA A 293 18.26 11.93 25.87
C ALA A 293 18.08 12.94 27.01
N TYR A 294 18.45 12.56 28.24
CA TYR A 294 18.27 13.47 29.36
C TYR A 294 19.13 14.73 29.14
N LYS A 295 20.32 14.58 28.58
CA LYS A 295 21.14 15.75 28.29
C LYS A 295 20.47 16.67 27.28
N GLN A 296 19.92 16.07 26.22
CA GLN A 296 19.33 16.84 25.16
C GLN A 296 18.03 17.51 25.62
N ILE A 297 17.31 16.88 26.55
CA ILE A 297 16.09 17.49 27.06
C ILE A 297 16.46 18.68 27.95
N ASP A 298 17.47 18.46 28.79
CA ASP A 298 17.99 19.52 29.62
C ASP A 298 18.46 20.69 28.75
N ALA A 299 19.10 20.36 27.60
CA ALA A 299 19.57 21.40 26.68
C ALA A 299 18.41 22.20 26.09
N ARG A 300 17.18 21.67 26.17
CA ARG A 300 16.03 22.38 25.61
C ARG A 300 15.23 23.00 26.74
N GLY A 301 15.79 23.08 27.93
CA GLY A 301 15.11 23.79 29.00
C GLY A 301 14.29 22.86 29.89
N GLY A 302 14.48 21.55 29.81
CA GLY A 302 13.71 20.62 30.62
C GLY A 302 12.37 20.29 29.99
N ASN A 303 11.82 19.15 30.40
CA ASN A 303 10.51 18.68 29.97
C ASN A 303 10.11 17.51 30.88
N PRO A 304 9.51 17.77 32.05
CA PRO A 304 9.33 16.71 33.05
C PRO A 304 8.54 15.53 32.54
N GLU A 305 7.56 15.81 31.69
CA GLU A 305 6.73 14.74 31.16
C GLU A 305 7.56 13.84 30.25
N LEU A 306 8.41 14.43 29.40
CA LEU A 306 9.26 13.62 28.51
C LEU A 306 10.30 12.85 29.32
N VAL A 307 10.85 13.50 30.37
CA VAL A 307 11.84 12.83 31.20
C VAL A 307 11.19 11.61 31.86
N ALA A 308 9.98 11.79 32.41
CA ALA A 308 9.28 10.71 33.11
C ALA A 308 8.96 9.56 32.16
N LEU A 309 8.63 9.89 30.92
CA LEU A 309 8.41 8.85 29.92
C LEU A 309 9.68 8.06 29.62
N VAL A 310 10.79 8.77 29.40
CA VAL A 310 12.04 8.10 29.11
C VAL A 310 12.43 7.21 30.30
N LYS A 311 12.28 7.73 31.51
CA LYS A 311 12.63 6.99 32.70
C LYS A 311 11.80 5.70 32.84
N HIS A 312 10.48 5.80 32.65
CA HIS A 312 9.61 4.64 32.68
C HIS A 312 10.09 3.61 31.66
N LEU A 313 10.32 4.05 30.41
CA LEU A 313 10.73 3.15 29.34
C LEU A 313 12.09 2.53 29.65
N SER A 314 12.91 3.20 30.46
CA SER A 314 14.27 2.72 30.73
C SER A 314 14.28 1.60 31.77
N LYS A 315 13.16 1.38 32.49
CA LYS A 315 13.10 0.29 33.48
C LYS A 315 13.31 -1.08 32.84
N MET A 316 12.75 -1.27 31.65
CA MET A 316 12.93 -2.43 30.79
C MET A 316 14.36 -2.99 30.84
N PHE A 317 15.40 -2.16 30.90
CA PHE A 317 16.75 -2.68 30.69
C PHE A 317 17.63 -2.48 31.93
N LYS A 318 17.02 -2.29 33.10
CA LYS A 318 17.82 -2.05 34.30
C LYS A 318 17.91 -3.30 35.18
N MET B 23 25.09 10.44 0.37
CA MET B 23 23.61 10.51 0.24
C MET B 23 23.21 10.67 -1.24
N GLU B 24 24.13 11.13 -2.11
CA GLU B 24 23.87 11.35 -3.53
C GLU B 24 23.95 10.03 -4.31
N LYS B 25 25.11 9.36 -4.32
CA LYS B 25 25.27 8.11 -5.05
C LYS B 25 24.49 6.99 -4.36
N THR B 26 24.25 7.14 -3.05
CA THR B 26 23.59 6.15 -2.21
C THR B 26 22.08 6.16 -2.39
N GLN B 27 21.50 7.36 -2.55
CA GLN B 27 20.06 7.46 -2.75
C GLN B 27 19.67 6.63 -3.98
N GLU B 28 20.57 6.57 -4.97
CA GLU B 28 20.28 5.96 -6.25
C GLU B 28 20.28 4.43 -6.10
N THR B 29 21.17 3.94 -5.25
CA THR B 29 21.26 2.51 -5.03
C THR B 29 19.98 2.07 -4.32
N VAL B 30 19.56 2.85 -3.33
CA VAL B 30 18.43 2.46 -2.52
C VAL B 30 17.17 2.49 -3.39
N GLN B 31 17.03 3.56 -4.15
CA GLN B 31 15.94 3.72 -5.09
C GLN B 31 15.82 2.50 -5.99
N ARG B 32 16.97 2.05 -6.49
CA ARG B 32 16.98 0.96 -7.45
C ARG B 32 16.56 -0.34 -6.79
N ILE B 33 17.09 -0.61 -5.59
CA ILE B 33 16.62 -1.73 -4.80
C ILE B 33 15.09 -1.69 -4.64
N LEU B 34 14.58 -0.53 -4.22
CA LEU B 34 13.17 -0.40 -3.87
C LEU B 34 12.30 -0.59 -5.09
N LEU B 35 12.80 -0.22 -6.29
CA LEU B 35 11.96 -0.22 -7.47
C LEU B 35 12.09 -1.48 -8.32
N GLU B 36 12.91 -2.43 -7.90
CA GLU B 36 13.20 -3.54 -8.79
C GLU B 36 11.91 -4.29 -9.16
N PRO B 37 11.02 -4.66 -8.20
CA PRO B 37 9.81 -5.39 -8.57
C PRO B 37 8.94 -4.60 -9.54
N TYR B 38 8.90 -3.29 -9.35
CA TYR B 38 8.09 -2.42 -10.18
C TYR B 38 8.65 -2.38 -11.62
N LYS B 39 9.99 -2.29 -11.76
CA LYS B 39 10.61 -2.30 -13.08
C LYS B 39 10.39 -3.64 -13.79
N TYR B 40 10.35 -4.72 -13.02
CA TYR B 40 10.05 -6.02 -13.62
C TYR B 40 8.68 -6.00 -14.26
N LEU B 41 7.71 -5.52 -13.50
CA LEU B 41 6.33 -5.54 -13.95
C LEU B 41 6.14 -4.60 -15.15
N LEU B 42 6.86 -3.49 -15.18
CA LEU B 42 6.78 -2.59 -16.33
C LEU B 42 7.14 -3.31 -17.63
N GLN B 43 8.04 -4.29 -17.60
CA GLN B 43 8.44 -5.03 -18.79
C GLN B 43 7.38 -6.03 -19.24
N LEU B 44 6.38 -6.31 -18.41
CA LEU B 44 5.42 -7.34 -18.76
C LEU B 44 4.44 -6.78 -19.79
N PRO B 45 3.87 -7.63 -20.66
CA PRO B 45 2.86 -7.20 -21.63
C PRO B 45 1.68 -6.49 -20.96
N GLY B 46 1.19 -5.41 -21.57
CA GLY B 46 -0.03 -4.78 -21.11
C GLY B 46 -0.59 -3.79 -22.13
N LYS B 47 -1.88 -3.47 -22.01
CA LYS B 47 -2.64 -2.76 -23.05
C LYS B 47 -2.55 -1.24 -22.92
N GLN B 48 -2.17 -0.72 -21.74
CA GLN B 48 -2.01 0.71 -21.46
C GLN B 48 -3.26 1.53 -21.81
N VAL B 49 -4.43 0.91 -21.60
CA VAL B 49 -5.71 1.52 -21.87
C VAL B 49 -5.85 2.87 -21.14
N ARG B 50 -5.41 2.99 -19.89
CA ARG B 50 -5.54 4.22 -19.14
C ARG B 50 -4.93 5.37 -19.95
N THR B 51 -3.80 5.09 -20.62
CA THR B 51 -3.18 6.11 -21.45
C THR B 51 -4.07 6.38 -22.66
N LYS B 52 -4.67 5.33 -23.24
CA LYS B 52 -5.52 5.46 -24.42
C LYS B 52 -6.79 6.25 -24.08
N LEU B 53 -7.37 5.98 -22.91
CA LEU B 53 -8.56 6.70 -22.48
C LEU B 53 -8.24 8.14 -22.12
N SER B 54 -7.08 8.39 -21.54
CA SER B 54 -6.68 9.73 -21.19
C SER B 54 -6.52 10.51 -22.48
N GLN B 55 -5.87 9.89 -23.46
CA GLN B 55 -5.73 10.58 -24.72
C GLN B 55 -7.13 10.87 -25.25
N ALA B 56 -8.08 9.92 -25.13
CA ALA B 56 -9.38 10.11 -25.74
C ALA B 56 -10.12 11.25 -25.05
N PHE B 57 -9.97 11.34 -23.71
CA PHE B 57 -10.66 12.39 -22.97
C PHE B 57 -10.04 13.75 -23.29
N ASN B 58 -8.77 13.76 -23.72
CA ASN B 58 -8.09 14.99 -24.06
C ASN B 58 -8.70 15.70 -25.28
N HIS B 59 -9.51 14.97 -26.06
CA HIS B 59 -10.34 15.61 -27.06
C HIS B 59 -11.08 16.79 -26.44
N TRP B 60 -11.66 16.59 -25.25
CA TRP B 60 -12.42 17.64 -24.58
C TRP B 60 -11.49 18.54 -23.80
N LEU B 61 -10.56 17.93 -23.08
CA LEU B 61 -9.91 18.63 -21.99
C LEU B 61 -8.72 19.45 -22.48
N LYS B 62 -8.05 19.03 -23.55
CA LYS B 62 -6.98 19.83 -24.15
C LYS B 62 -5.97 20.31 -23.13
N VAL B 63 -5.43 19.35 -22.37
CA VAL B 63 -4.56 19.68 -21.25
C VAL B 63 -3.22 20.14 -21.78
N PRO B 64 -2.60 21.17 -21.19
CA PRO B 64 -1.21 21.53 -21.53
C PRO B 64 -0.32 20.31 -21.41
N GLU B 65 0.60 20.14 -22.36
CA GLU B 65 1.43 18.95 -22.48
C GLU B 65 2.26 18.69 -21.22
N ASP B 66 2.76 19.74 -20.58
CA ASP B 66 3.58 19.56 -19.40
C ASP B 66 2.74 18.90 -18.27
N LYS B 67 1.49 19.35 -18.07
CA LYS B 67 0.64 18.78 -17.04
C LYS B 67 0.21 17.38 -17.47
N LEU B 68 -0.12 17.22 -18.75
CA LEU B 68 -0.63 15.96 -19.25
C LEU B 68 0.40 14.85 -19.05
N GLN B 69 1.68 15.17 -19.29
CA GLN B 69 2.75 14.17 -19.22
C GLN B 69 2.88 13.67 -17.78
N ILE B 70 2.89 14.61 -16.85
CA ILE B 70 2.92 14.28 -15.45
C ILE B 70 1.71 13.42 -15.06
N ILE B 71 0.52 13.78 -15.51
CA ILE B 71 -0.67 13.09 -15.09
C ILE B 71 -0.62 11.65 -15.60
N ILE B 72 -0.21 11.48 -16.86
CA ILE B 72 -0.09 10.15 -17.43
C ILE B 72 0.93 9.31 -16.67
N GLU B 73 2.09 9.89 -16.31
CA GLU B 73 3.09 9.19 -15.54
C GLU B 73 2.55 8.77 -14.17
N VAL B 74 1.86 9.70 -13.48
CA VAL B 74 1.26 9.43 -12.18
C VAL B 74 0.33 8.23 -12.33
N THR B 75 -0.53 8.29 -13.34
CA THR B 75 -1.61 7.35 -13.52
C THR B 75 -1.02 5.95 -13.79
N GLU B 76 0.02 5.91 -14.63
CA GLU B 76 0.63 4.65 -14.99
C GLU B 76 1.42 4.08 -13.80
N MET B 77 2.11 4.94 -13.04
CA MET B 77 2.80 4.51 -11.85
C MET B 77 1.81 3.84 -10.89
N LEU B 78 0.70 4.54 -10.58
CA LEU B 78 -0.27 4.07 -9.59
C LEU B 78 -0.91 2.78 -10.08
N HIS B 79 -1.15 2.71 -11.38
CA HIS B 79 -1.78 1.54 -11.96
C HIS B 79 -0.86 0.33 -11.84
N ASN B 80 0.39 0.50 -12.25
CA ASN B 80 1.35 -0.59 -12.18
C ASN B 80 1.60 -1.03 -10.73
N ALA B 81 1.75 -0.08 -9.80
CA ALA B 81 1.85 -0.43 -8.41
C ALA B 81 0.65 -1.25 -7.94
N SER B 82 -0.56 -0.85 -8.36
CA SER B 82 -1.76 -1.55 -7.97
C SER B 82 -1.75 -2.97 -8.52
N LEU B 83 -1.15 -3.20 -9.68
CA LEU B 83 -1.09 -4.53 -10.26
C LEU B 83 -0.17 -5.43 -9.42
N LEU B 84 0.96 -4.89 -8.94
CA LEU B 84 1.83 -5.65 -8.07
C LEU B 84 1.01 -6.16 -6.87
N ILE B 85 0.24 -5.25 -6.30
CA ILE B 85 -0.53 -5.53 -5.11
C ILE B 85 -1.66 -6.51 -5.45
N ASP B 86 -2.37 -6.28 -6.57
CA ASP B 86 -3.44 -7.13 -7.02
C ASP B 86 -2.97 -8.56 -7.11
N ASP B 87 -1.81 -8.79 -7.74
CA ASP B 87 -1.34 -10.15 -7.96
C ASP B 87 -1.10 -10.85 -6.61
N ILE B 88 -0.62 -10.12 -5.58
CA ILE B 88 -0.53 -10.72 -4.26
C ILE B 88 -1.93 -10.95 -3.69
N GLU B 89 -2.83 -9.99 -3.85
CA GLU B 89 -4.11 -10.05 -3.20
C GLU B 89 -4.99 -11.17 -3.75
N ASP B 90 -4.82 -11.57 -5.01
CA ASP B 90 -5.67 -12.63 -5.54
C ASP B 90 -4.87 -13.90 -5.78
N ASN B 91 -3.66 -13.97 -5.24
CA ASN B 91 -2.84 -15.17 -5.33
C ASN B 91 -2.58 -15.56 -6.79
N SER B 92 -2.43 -14.60 -7.71
CA SER B 92 -2.03 -14.92 -9.06
C SER B 92 -0.65 -15.56 -9.08
N LYS B 93 -0.44 -16.44 -10.06
CA LYS B 93 0.85 -17.09 -10.27
C LYS B 93 1.56 -16.53 -11.51
N LEU B 94 0.77 -16.10 -12.50
CA LEU B 94 1.26 -15.53 -13.73
C LEU B 94 0.59 -14.19 -14.00
N ARG B 95 1.31 -13.34 -14.73
CA ARG B 95 0.73 -12.17 -15.38
C ARG B 95 1.19 -12.20 -16.84
N ARG B 96 0.22 -12.33 -17.75
CA ARG B 96 0.46 -12.35 -19.19
C ARG B 96 1.50 -13.43 -19.53
N GLY B 97 1.44 -14.55 -18.82
CA GLY B 97 2.24 -15.72 -19.12
C GLY B 97 3.59 -15.74 -18.41
N PHE B 98 3.91 -14.67 -17.68
CA PHE B 98 5.17 -14.60 -16.97
C PHE B 98 4.96 -14.66 -15.46
N PRO B 99 6.00 -15.01 -14.70
CA PRO B 99 5.82 -15.11 -13.26
C PRO B 99 5.39 -13.77 -12.69
N VAL B 100 4.50 -13.82 -11.72
CA VAL B 100 4.17 -12.63 -10.95
C VAL B 100 5.42 -12.14 -10.23
N ALA B 101 5.46 -10.83 -9.96
CA ALA B 101 6.63 -10.22 -9.39
C ALA B 101 7.02 -10.88 -8.06
N HIS B 102 6.01 -11.24 -7.26
CA HIS B 102 6.33 -11.70 -5.92
C HIS B 102 6.90 -13.12 -5.94
N SER B 103 6.74 -13.89 -7.02
CA SER B 103 7.48 -15.15 -7.15
C SER B 103 8.96 -14.90 -7.32
N ILE B 104 9.30 -13.79 -7.97
CA ILE B 104 10.67 -13.48 -8.27
C ILE B 104 11.30 -12.82 -7.06
N TYR B 105 10.64 -11.78 -6.52
CA TYR B 105 11.30 -10.90 -5.56
C TYR B 105 10.85 -11.17 -4.12
N GLY B 106 9.82 -12.02 -3.95
CA GLY B 106 9.19 -12.23 -2.66
C GLY B 106 8.10 -11.17 -2.35
N ILE B 107 7.10 -11.60 -1.58
CA ILE B 107 6.00 -10.77 -1.18
C ILE B 107 6.51 -9.54 -0.43
N PRO B 108 7.43 -9.66 0.54
CA PRO B 108 7.83 -8.49 1.31
C PRO B 108 8.36 -7.36 0.43
N SER B 109 9.28 -7.69 -0.49
CA SER B 109 9.88 -6.69 -1.34
C SER B 109 8.83 -6.06 -2.28
N VAL B 110 7.88 -6.87 -2.77
CA VAL B 110 6.89 -6.37 -3.69
C VAL B 110 5.92 -5.39 -3.00
N ILE B 111 5.44 -5.74 -1.81
CA ILE B 111 4.58 -4.84 -1.05
C ILE B 111 5.30 -3.53 -0.89
N ASN B 112 6.57 -3.60 -0.45
CA ASN B 112 7.32 -2.40 -0.14
C ASN B 112 7.51 -1.56 -1.40
N SER B 113 7.82 -2.23 -2.51
CA SER B 113 8.01 -1.56 -3.79
C SER B 113 6.74 -0.85 -4.25
N ALA B 114 5.63 -1.56 -4.27
CA ALA B 114 4.38 -1.03 -4.75
C ALA B 114 3.96 0.15 -3.89
N ASN B 115 4.13 0.02 -2.56
CA ASN B 115 3.70 1.06 -1.66
C ASN B 115 4.60 2.27 -1.80
N TYR B 116 5.90 2.06 -2.01
CA TYR B 116 6.82 3.14 -2.28
C TYR B 116 6.37 3.91 -3.53
N VAL B 117 5.99 3.18 -4.56
CA VAL B 117 5.55 3.82 -5.80
C VAL B 117 4.29 4.66 -5.55
N TYR B 118 3.40 4.20 -4.67
CA TYR B 118 2.23 5.01 -4.33
C TYR B 118 2.69 6.38 -3.85
N PHE B 119 3.69 6.42 -2.98
CA PHE B 119 4.07 7.67 -2.38
C PHE B 119 4.92 8.48 -3.35
N LEU B 120 5.68 7.83 -4.24
CA LEU B 120 6.34 8.53 -5.32
C LEU B 120 5.27 9.17 -6.20
N GLY B 121 4.12 8.51 -6.37
CA GLY B 121 3.03 9.05 -7.16
C GLY B 121 2.45 10.31 -6.50
N LEU B 122 2.23 10.24 -5.18
CA LEU B 122 1.81 11.39 -4.40
C LEU B 122 2.80 12.53 -4.59
N GLU B 123 4.10 12.24 -4.47
CA GLU B 123 5.13 13.24 -4.59
C GLU B 123 5.02 13.92 -5.95
N LYS B 124 4.81 13.13 -7.01
CA LYS B 124 4.71 13.67 -8.34
C LYS B 124 3.42 14.48 -8.50
N VAL B 125 2.30 14.04 -7.91
CA VAL B 125 1.07 14.82 -7.92
C VAL B 125 1.31 16.22 -7.36
N LEU B 126 2.13 16.32 -6.32
CA LEU B 126 2.46 17.63 -5.75
C LEU B 126 3.13 18.53 -6.81
N THR B 127 3.84 17.97 -7.77
CA THR B 127 4.50 18.81 -8.76
C THR B 127 3.47 19.44 -9.71
N LEU B 128 2.23 18.96 -9.72
CA LEU B 128 1.23 19.56 -10.58
C LEU B 128 0.89 20.94 -10.06
N ASP B 129 1.18 21.19 -8.79
CA ASP B 129 1.01 22.50 -8.17
C ASP B 129 -0.41 23.01 -8.40
N HIS B 130 -1.41 22.23 -7.99
CA HIS B 130 -2.78 22.66 -7.96
C HIS B 130 -3.36 22.23 -6.63
N PRO B 131 -4.05 23.12 -5.89
CA PRO B 131 -4.52 22.79 -4.55
C PRO B 131 -5.48 21.61 -4.51
N ASP B 132 -6.19 21.33 -5.61
CA ASP B 132 -7.14 20.22 -5.59
C ASP B 132 -6.51 18.90 -6.01
N ALA B 133 -5.26 18.88 -6.48
CA ALA B 133 -4.76 17.62 -7.05
C ALA B 133 -4.62 16.53 -5.99
N VAL B 134 -4.11 16.88 -4.82
CA VAL B 134 -3.90 15.94 -3.73
C VAL B 134 -5.23 15.42 -3.21
N LYS B 135 -6.23 16.31 -3.18
CA LYS B 135 -7.57 15.92 -2.75
C LYS B 135 -8.12 14.86 -3.68
N LEU B 136 -7.94 15.08 -4.99
CA LEU B 136 -8.37 14.11 -5.97
C LEU B 136 -7.61 12.81 -5.76
N PHE B 137 -6.29 12.92 -5.63
CA PHE B 137 -5.49 11.73 -5.44
C PHE B 137 -6.00 10.91 -4.25
N THR B 138 -6.23 11.58 -3.12
CA THR B 138 -6.64 10.93 -1.89
C THR B 138 -7.96 10.21 -2.09
N ARG B 139 -8.92 10.91 -2.66
CA ARG B 139 -10.24 10.35 -2.88
C ARG B 139 -10.13 9.12 -3.77
N GLN B 140 -9.37 9.21 -4.86
CA GLN B 140 -9.34 8.12 -5.83
C GLN B 140 -8.59 6.92 -5.28
N LEU B 141 -7.55 7.16 -4.46
CA LEU B 141 -6.83 6.06 -3.84
C LEU B 141 -7.72 5.37 -2.82
N LEU B 142 -8.54 6.15 -2.11
CA LEU B 142 -9.46 5.59 -1.14
C LEU B 142 -10.51 4.75 -1.87
N GLU B 143 -11.03 5.22 -3.00
CA GLU B 143 -11.97 4.43 -3.81
C GLU B 143 -11.35 3.11 -4.26
N LEU B 144 -10.12 3.19 -4.82
CA LEU B 144 -9.38 2.03 -5.31
C LEU B 144 -9.31 0.99 -4.19
N HIS B 145 -8.92 1.43 -3.00
CA HIS B 145 -8.75 0.52 -1.86
C HIS B 145 -10.06 -0.09 -1.40
N GLN B 146 -11.13 0.70 -1.47
CA GLN B 146 -12.43 0.16 -1.11
C GLN B 146 -12.85 -0.92 -2.10
N GLY B 147 -12.69 -0.67 -3.40
CA GLY B 147 -13.01 -1.68 -4.40
C GLY B 147 -12.19 -2.95 -4.25
N GLN B 148 -10.86 -2.82 -4.15
CA GLN B 148 -9.98 -3.96 -3.96
C GLN B 148 -10.40 -4.71 -2.69
N GLY B 149 -10.66 -3.95 -1.62
CA GLY B 149 -10.92 -4.50 -0.30
C GLY B 149 -12.22 -5.31 -0.30
N LEU B 150 -13.24 -4.82 -0.97
CA LEU B 150 -14.48 -5.57 -1.13
C LEU B 150 -14.28 -6.85 -1.92
N ASP B 151 -13.58 -6.71 -3.04
CA ASP B 151 -13.28 -7.85 -3.88
C ASP B 151 -12.64 -8.95 -3.02
N ILE B 152 -11.65 -8.58 -2.23
CA ILE B 152 -10.95 -9.53 -1.40
C ILE B 152 -11.91 -10.12 -0.37
N TYR B 153 -12.67 -9.26 0.29
CA TYR B 153 -13.55 -9.65 1.36
C TYR B 153 -14.53 -10.69 0.86
N TRP B 154 -15.15 -10.43 -0.30
CA TRP B 154 -16.14 -11.32 -0.84
C TRP B 154 -15.51 -12.68 -1.07
N ARG B 155 -14.32 -12.67 -1.68
CA ARG B 155 -13.66 -13.91 -2.04
C ARG B 155 -13.30 -14.70 -0.77
N ASP B 156 -12.69 -14.04 0.19
CA ASP B 156 -12.24 -14.67 1.41
C ASP B 156 -13.40 -15.17 2.25
N ASN B 157 -14.56 -14.49 2.20
CA ASN B 157 -15.62 -14.75 3.17
C ASN B 157 -16.82 -15.40 2.48
N TYR B 158 -16.62 -15.96 1.26
CA TYR B 158 -17.63 -16.66 0.47
C TYR B 158 -18.94 -15.88 0.42
N THR B 159 -18.81 -14.56 0.25
CA THR B 159 -19.97 -13.73 0.03
C THR B 159 -20.09 -13.49 -1.47
N CYS B 160 -20.99 -14.21 -2.16
N CYS B 160 -20.95 -14.22 -2.19
CA CYS B 160 -21.26 -13.92 -3.56
CA CYS B 160 -21.14 -13.92 -3.61
C CYS B 160 -22.02 -12.61 -3.69
C CYS B 160 -22.00 -12.66 -3.73
N PRO B 161 -21.47 -11.58 -4.36
CA PRO B 161 -22.19 -10.31 -4.49
C PRO B 161 -23.35 -10.43 -5.46
N THR B 162 -24.32 -9.55 -5.27
CA THR B 162 -25.30 -9.33 -6.33
C THR B 162 -24.64 -8.59 -7.51
N GLU B 163 -25.42 -8.54 -8.59
CA GLU B 163 -25.00 -7.85 -9.77
C GLU B 163 -24.76 -6.38 -9.44
N GLU B 164 -25.63 -5.79 -8.64
CA GLU B 164 -25.53 -4.37 -8.34
C GLU B 164 -24.29 -4.10 -7.47
N GLU B 165 -24.02 -4.99 -6.54
CA GLU B 165 -22.86 -4.85 -5.67
C GLU B 165 -21.60 -5.02 -6.48
N TYR B 166 -21.56 -6.00 -7.37
CA TYR B 166 -20.42 -6.24 -8.25
C TYR B 166 -20.09 -4.99 -9.08
N LYS B 167 -21.12 -4.40 -9.67
CA LYS B 167 -20.98 -3.21 -10.49
C LYS B 167 -20.37 -2.09 -9.66
N ALA B 168 -20.95 -1.83 -8.49
CA ALA B 168 -20.48 -0.77 -7.61
C ALA B 168 -19.01 -1.02 -7.23
N MET B 169 -18.65 -2.27 -6.95
CA MET B 169 -17.28 -2.62 -6.58
C MET B 169 -16.36 -2.36 -7.77
N VAL B 170 -16.81 -2.72 -8.96
CA VAL B 170 -15.98 -2.59 -10.16
C VAL B 170 -15.68 -1.12 -10.46
N LEU B 171 -16.68 -0.27 -10.27
CA LEU B 171 -16.52 1.16 -10.49
C LEU B 171 -15.46 1.74 -9.58
N GLN B 172 -15.34 1.22 -8.35
CA GLN B 172 -14.28 1.66 -7.47
C GLN B 172 -12.95 1.04 -7.84
N LYS B 173 -12.89 -0.29 -7.97
CA LYS B 173 -11.64 -1.00 -8.15
C LYS B 173 -11.04 -0.72 -9.54
N THR B 174 -11.90 -0.66 -10.56
CA THR B 174 -11.48 -0.65 -11.96
C THR B 174 -11.33 0.79 -12.44
N GLY B 175 -12.22 1.66 -11.97
CA GLY B 175 -12.27 3.02 -12.45
C GLY B 175 -11.65 4.05 -11.52
N GLY B 176 -11.24 3.67 -10.30
CA GLY B 176 -10.63 4.61 -9.36
C GLY B 176 -9.48 5.41 -10.02
N LEU B 177 -8.58 4.72 -10.73
CA LEU B 177 -7.42 5.38 -11.29
C LEU B 177 -7.75 6.08 -12.62
N PHE B 178 -8.73 5.54 -13.37
N PHE B 178 -8.74 5.63 -13.37
CA PHE B 178 -9.33 6.15 -14.55
CA PHE B 178 -9.09 6.37 -14.58
C PHE B 178 -9.87 7.54 -14.17
C PHE B 178 -9.84 7.63 -14.15
N GLY B 179 -10.60 7.54 -13.06
CA GLY B 179 -11.25 8.72 -12.52
C GLY B 179 -10.21 9.75 -12.07
N LEU B 180 -9.08 9.24 -11.57
CA LEU B 180 -8.03 10.13 -11.14
C LEU B 180 -7.41 10.84 -12.35
N ALA B 181 -7.08 10.09 -13.38
CA ALA B 181 -6.46 10.65 -14.57
C ALA B 181 -7.33 11.77 -15.12
N VAL B 182 -8.59 11.46 -15.39
CA VAL B 182 -9.49 12.39 -16.01
C VAL B 182 -9.73 13.60 -15.11
N GLY B 183 -9.91 13.35 -13.81
CA GLY B 183 -10.12 14.41 -12.84
C GLY B 183 -8.91 15.38 -12.78
N LEU B 184 -7.70 14.81 -12.81
CA LEU B 184 -6.49 15.62 -12.76
C LEU B 184 -6.39 16.42 -14.05
N MET B 185 -6.68 15.77 -15.19
CA MET B 185 -6.74 16.45 -16.47
C MET B 185 -7.68 17.66 -16.41
N GLN B 186 -8.87 17.46 -15.87
CA GLN B 186 -9.89 18.49 -15.89
C GLN B 186 -9.48 19.69 -15.04
N LEU B 187 -8.62 19.46 -14.03
CA LEU B 187 -8.10 20.54 -13.22
C LEU B 187 -7.33 21.55 -14.08
N PHE B 188 -6.72 21.13 -15.20
CA PHE B 188 -5.94 22.00 -16.05
C PHE B 188 -6.62 22.27 -17.41
N SER B 189 -7.95 22.12 -17.45
CA SER B 189 -8.72 22.25 -18.66
C SER B 189 -9.72 23.38 -18.47
N ASP B 190 -10.03 24.07 -19.58
CA ASP B 190 -11.14 25.02 -19.66
C ASP B 190 -12.50 24.30 -19.72
N TYR B 191 -12.48 23.04 -20.17
CA TYR B 191 -13.68 22.25 -20.31
C TYR B 191 -14.05 21.74 -18.93
N LYS B 192 -15.27 22.06 -18.46
CA LYS B 192 -15.64 21.79 -17.08
C LYS B 192 -16.91 20.98 -16.97
N GLU B 193 -17.39 20.41 -18.07
CA GLU B 193 -18.61 19.64 -18.03
C GLU B 193 -18.38 18.34 -17.25
N ASP B 194 -19.48 17.75 -16.83
CA ASP B 194 -19.43 16.62 -15.93
C ASP B 194 -19.20 15.36 -16.76
N LEU B 195 -18.01 14.77 -16.57
CA LEU B 195 -17.64 13.56 -17.29
C LEU B 195 -17.84 12.29 -16.43
N LYS B 196 -18.31 12.46 -15.19
CA LYS B 196 -18.42 11.35 -14.24
C LYS B 196 -19.40 10.28 -14.76
N PRO B 197 -20.59 10.64 -15.24
CA PRO B 197 -21.52 9.61 -15.72
C PRO B 197 -20.92 8.73 -16.82
N LEU B 198 -20.25 9.38 -17.76
CA LEU B 198 -19.62 8.66 -18.87
C LEU B 198 -18.52 7.75 -18.33
N LEU B 199 -17.71 8.27 -17.39
CA LEU B 199 -16.67 7.47 -16.74
C LEU B 199 -17.25 6.23 -16.11
N ASN B 200 -18.40 6.36 -15.44
CA ASN B 200 -19.04 5.21 -14.80
C ASN B 200 -19.49 4.19 -15.84
N THR B 201 -20.11 4.67 -16.92
CA THR B 201 -20.53 3.77 -17.99
C THR B 201 -19.31 3.05 -18.56
N LEU B 202 -18.24 3.79 -18.83
CA LEU B 202 -17.05 3.23 -19.43
C LEU B 202 -16.40 2.23 -18.49
N GLY B 203 -16.32 2.54 -17.18
CA GLY B 203 -15.72 1.62 -16.23
C GLY B 203 -16.43 0.27 -16.24
N LEU B 204 -17.76 0.32 -16.21
CA LEU B 204 -18.56 -0.90 -16.23
C LEU B 204 -18.39 -1.65 -17.54
N PHE B 205 -18.44 -0.89 -18.63
CA PHE B 205 -18.29 -1.47 -19.95
C PHE B 205 -16.96 -2.22 -20.06
N PHE B 206 -15.84 -1.56 -19.72
CA PHE B 206 -14.53 -2.21 -19.83
C PHE B 206 -14.48 -3.49 -19.00
N GLN B 207 -14.92 -3.41 -17.74
CA GLN B 207 -14.78 -4.55 -16.84
C GLN B 207 -15.66 -5.70 -17.31
N ILE B 208 -16.90 -5.40 -17.68
CA ILE B 208 -17.84 -6.45 -18.03
C ILE B 208 -17.39 -7.08 -19.35
N ARG B 209 -16.85 -6.25 -20.26
CA ARG B 209 -16.31 -6.78 -21.50
C ARG B 209 -15.16 -7.72 -21.21
N ASP B 210 -14.27 -7.34 -20.30
CA ASP B 210 -13.18 -8.22 -19.91
C ASP B 210 -13.69 -9.55 -19.33
N ASP B 211 -14.64 -9.45 -18.41
CA ASP B 211 -15.30 -10.60 -17.79
C ASP B 211 -15.79 -11.54 -18.89
N TYR B 212 -16.54 -10.96 -19.84
CA TYR B 212 -17.11 -11.68 -20.96
C TYR B 212 -16.01 -12.33 -21.80
N ALA B 213 -14.95 -11.57 -22.11
CA ALA B 213 -14.03 -12.01 -23.14
C ALA B 213 -13.25 -13.17 -22.57
N ASN B 214 -12.94 -13.04 -21.28
CA ASN B 214 -12.16 -14.01 -20.57
C ASN B 214 -12.91 -15.35 -20.52
N LEU B 215 -14.24 -15.38 -20.52
CA LEU B 215 -14.94 -16.65 -20.46
C LEU B 215 -15.35 -17.17 -21.84
N HIS B 216 -15.60 -16.28 -22.80
CA HIS B 216 -16.23 -16.62 -24.06
C HIS B 216 -15.24 -16.65 -25.23
N SER B 217 -13.97 -16.22 -25.05
CA SER B 217 -13.06 -16.03 -26.18
C SER B 217 -11.70 -16.66 -25.90
N LYS B 218 -11.34 -17.72 -26.65
CA LYS B 218 -10.11 -18.45 -26.41
C LYS B 218 -8.91 -17.60 -26.79
N GLU B 219 -9.02 -16.82 -27.88
CA GLU B 219 -7.94 -15.93 -28.30
C GLU B 219 -7.62 -14.94 -27.16
N TYR B 220 -8.66 -14.31 -26.61
CA TYR B 220 -8.51 -13.24 -25.62
C TYR B 220 -7.93 -13.79 -24.30
N SER B 221 -8.54 -14.88 -23.84
CA SER B 221 -8.03 -15.71 -22.75
C SER B 221 -6.54 -16.05 -22.92
N GLU B 222 -6.12 -16.56 -24.09
CA GLU B 222 -4.73 -16.94 -24.37
C GLU B 222 -3.77 -15.74 -24.25
N ASN B 223 -4.10 -14.59 -24.88
CA ASN B 223 -3.20 -13.43 -24.86
C ASN B 223 -3.09 -12.89 -23.43
N LYS B 224 -4.25 -12.76 -22.74
CA LYS B 224 -4.31 -12.09 -21.44
C LYS B 224 -3.99 -13.06 -20.31
N SER B 225 -4.83 -14.09 -20.10
CA SER B 225 -4.80 -14.92 -18.91
C SER B 225 -4.15 -16.28 -19.19
N PHE B 226 -3.06 -16.28 -19.96
CA PHE B 226 -2.41 -17.53 -20.36
C PHE B 226 -2.13 -18.39 -19.14
N CYS B 227 -2.68 -19.61 -19.13
CA CYS B 227 -2.40 -20.58 -18.09
C CYS B 227 -2.96 -20.19 -16.73
N GLU B 228 -4.06 -19.43 -16.67
CA GLU B 228 -4.65 -19.08 -15.38
C GLU B 228 -5.98 -19.81 -15.20
N ASP B 229 -6.29 -20.15 -13.94
CA ASP B 229 -7.46 -20.93 -13.57
C ASP B 229 -8.69 -20.41 -14.33
N LYS B 234 -12.81 -15.86 -7.34
CA LYS B 234 -12.79 -14.84 -8.43
C LYS B 234 -14.04 -15.01 -9.32
N PHE B 235 -15.01 -14.13 -9.08
CA PHE B 235 -16.30 -14.10 -9.75
C PHE B 235 -16.22 -13.05 -10.84
N SER B 236 -17.26 -12.96 -11.66
CA SER B 236 -17.28 -12.07 -12.78
C SER B 236 -18.71 -11.94 -13.23
N PHE B 237 -18.97 -11.02 -14.17
CA PHE B 237 -20.34 -10.61 -14.39
C PHE B 237 -21.16 -11.82 -14.81
N PRO B 238 -20.70 -12.63 -15.78
CA PRO B 238 -21.48 -13.78 -16.23
C PRO B 238 -21.78 -14.81 -15.13
N THR B 239 -20.81 -15.11 -14.25
CA THR B 239 -21.03 -16.12 -13.21
C THR B 239 -21.98 -15.58 -12.14
N ILE B 240 -21.89 -14.29 -11.86
CA ILE B 240 -22.82 -13.66 -10.95
C ILE B 240 -24.25 -13.79 -11.49
N HIS B 241 -24.45 -13.48 -12.77
CA HIS B 241 -25.77 -13.65 -13.38
C HIS B 241 -26.23 -15.10 -13.23
N ALA B 242 -25.38 -16.07 -13.53
CA ALA B 242 -25.74 -17.46 -13.50
C ALA B 242 -26.16 -17.90 -12.08
N ILE B 243 -25.41 -17.46 -11.07
CA ILE B 243 -25.66 -17.85 -9.70
C ILE B 243 -27.02 -17.30 -9.27
N TRP B 244 -27.26 -16.00 -9.45
CA TRP B 244 -28.46 -15.38 -8.95
C TRP B 244 -29.67 -15.66 -9.84
N SER B 245 -29.47 -16.11 -11.08
CA SER B 245 -30.62 -16.31 -11.95
C SER B 245 -31.20 -17.69 -11.65
N ARG B 246 -30.34 -18.65 -11.28
CA ARG B 246 -30.75 -19.98 -10.86
C ARG B 246 -30.30 -20.19 -9.40
N PRO B 247 -30.93 -19.48 -8.43
CA PRO B 247 -30.42 -19.41 -7.07
C PRO B 247 -30.34 -20.75 -6.37
N GLU B 248 -31.12 -21.74 -6.79
CA GLU B 248 -31.07 -23.02 -6.14
C GLU B 248 -29.87 -23.83 -6.64
N SER B 249 -29.47 -23.59 -7.89
CA SER B 249 -28.39 -24.41 -8.43
C SER B 249 -27.10 -24.09 -7.68
N THR B 250 -26.19 -25.06 -7.62
CA THR B 250 -24.88 -24.78 -7.09
C THR B 250 -23.84 -25.26 -8.09
N GLN B 251 -24.23 -25.35 -9.38
CA GLN B 251 -23.35 -25.90 -10.40
C GLN B 251 -22.13 -25.02 -10.64
N VAL B 252 -22.25 -23.70 -10.48
CA VAL B 252 -21.10 -22.82 -10.56
C VAL B 252 -20.13 -23.21 -9.44
N GLN B 253 -20.59 -23.18 -8.19
CA GLN B 253 -19.73 -23.49 -7.05
C GLN B 253 -19.10 -24.89 -7.21
N ASN B 254 -19.93 -25.83 -7.64
CA ASN B 254 -19.54 -27.23 -7.77
C ASN B 254 -18.52 -27.38 -8.89
N ILE B 255 -18.75 -26.70 -10.02
CA ILE B 255 -17.76 -26.69 -11.09
C ILE B 255 -16.42 -26.13 -10.58
N LEU B 256 -16.46 -25.01 -9.85
CA LEU B 256 -15.22 -24.38 -9.42
C LEU B 256 -14.51 -25.25 -8.37
N ARG B 257 -15.25 -26.06 -7.61
CA ARG B 257 -14.61 -26.86 -6.58
C ARG B 257 -14.08 -28.19 -7.13
N GLN B 258 -14.29 -28.51 -8.42
CA GLN B 258 -14.04 -29.85 -8.94
C GLN B 258 -12.64 -30.37 -8.58
N THR B 260 -10.82 -32.15 -12.86
CA THR B 260 -10.53 -31.57 -14.19
C THR B 260 -9.35 -30.61 -14.05
N GLU B 261 -8.49 -30.57 -15.08
CA GLU B 261 -7.56 -29.46 -15.27
C GLU B 261 -8.41 -28.29 -15.80
N ASN B 262 -7.86 -27.08 -15.73
CA ASN B 262 -8.67 -25.89 -15.88
C ASN B 262 -9.41 -25.87 -17.22
N ILE B 263 -8.82 -26.43 -18.29
CA ILE B 263 -9.48 -26.47 -19.59
C ILE B 263 -10.87 -27.08 -19.41
N ASP B 264 -10.93 -28.19 -18.65
CA ASP B 264 -12.17 -28.93 -18.40
C ASP B 264 -13.12 -28.16 -17.50
N ILE B 265 -12.61 -27.67 -16.36
CA ILE B 265 -13.40 -26.84 -15.47
C ILE B 265 -14.02 -25.69 -16.27
N LYS B 266 -13.20 -25.01 -17.07
CA LYS B 266 -13.63 -23.85 -17.84
C LYS B 266 -14.71 -24.25 -18.83
N LYS B 267 -14.51 -25.36 -19.55
CA LYS B 267 -15.51 -25.83 -20.50
C LYS B 267 -16.85 -25.99 -19.77
N ASP B 268 -16.80 -26.68 -18.62
CA ASP B 268 -18.01 -26.91 -17.84
C ASP B 268 -18.68 -25.59 -17.53
N LEU B 269 -17.89 -24.67 -16.94
CA LEU B 269 -18.41 -23.37 -16.54
C LEU B 269 -19.08 -22.71 -17.73
N VAL B 270 -18.34 -22.74 -18.85
CA VAL B 270 -18.77 -22.10 -20.08
C VAL B 270 -20.09 -22.70 -20.58
N HIS B 271 -20.19 -24.04 -20.60
CA HIS B 271 -21.43 -24.70 -21.00
C HIS B 271 -22.55 -24.28 -20.04
N TYR B 272 -22.27 -24.24 -18.73
CA TYR B 272 -23.37 -23.91 -17.83
C TYR B 272 -23.82 -22.47 -18.14
N LEU B 273 -22.85 -21.56 -18.28
CA LEU B 273 -23.17 -20.16 -18.53
C LEU B 273 -23.99 -20.04 -19.81
N GLU B 274 -23.55 -20.77 -20.85
CA GLU B 274 -24.29 -20.83 -22.12
C GLU B 274 -25.74 -21.24 -21.84
N ASP B 275 -25.91 -22.42 -21.21
CA ASP B 275 -27.22 -23.02 -21.01
C ASP B 275 -28.12 -22.12 -20.16
N VAL B 276 -27.60 -21.31 -19.22
CA VAL B 276 -28.55 -20.53 -18.42
C VAL B 276 -28.78 -19.14 -19.02
N GLY B 277 -28.14 -18.85 -20.16
CA GLY B 277 -28.34 -17.56 -20.81
C GLY B 277 -27.48 -16.44 -20.23
N SER B 278 -26.35 -16.79 -19.62
CA SER B 278 -25.53 -15.79 -18.95
C SER B 278 -24.71 -15.01 -19.98
N PHE B 279 -24.31 -15.67 -21.08
CA PHE B 279 -23.57 -15.00 -22.13
C PHE B 279 -24.47 -14.04 -22.90
N GLU B 280 -25.71 -14.46 -23.13
CA GLU B 280 -26.65 -13.60 -23.82
C GLU B 280 -26.98 -12.40 -22.95
N TYR B 281 -27.19 -12.66 -21.64
CA TYR B 281 -27.53 -11.58 -20.73
C TYR B 281 -26.36 -10.57 -20.72
N THR B 282 -25.12 -11.07 -20.71
CA THR B 282 -23.96 -10.22 -20.64
C THR B 282 -23.83 -9.42 -21.93
N ARG B 283 -24.07 -10.04 -23.07
CA ARG B 283 -24.05 -9.38 -24.37
C ARG B 283 -25.08 -8.27 -24.38
N ASN B 284 -26.29 -8.56 -23.90
CA ASN B 284 -27.30 -7.51 -23.80
C ASN B 284 -26.87 -6.38 -22.88
N THR B 285 -26.24 -6.70 -21.73
CA THR B 285 -25.80 -5.64 -20.82
C THR B 285 -24.77 -4.76 -21.53
N LEU B 286 -23.84 -5.40 -22.23
CA LEU B 286 -22.78 -4.70 -22.94
C LEU B 286 -23.35 -3.80 -24.04
N LYS B 287 -24.38 -4.26 -24.74
CA LYS B 287 -24.99 -3.48 -25.81
C LYS B 287 -25.66 -2.25 -25.24
N GLU B 288 -26.30 -2.39 -24.09
CA GLU B 288 -26.89 -1.25 -23.42
C GLU B 288 -25.81 -0.28 -22.97
N LEU B 289 -24.72 -0.79 -22.41
CA LEU B 289 -23.62 0.06 -21.95
C LEU B 289 -23.02 0.82 -23.14
N GLU B 290 -22.85 0.12 -24.26
CA GLU B 290 -22.34 0.72 -25.48
C GLU B 290 -23.22 1.87 -25.94
N ALA B 291 -24.53 1.60 -26.03
CA ALA B 291 -25.47 2.59 -26.51
C ALA B 291 -25.48 3.79 -25.58
N LYS B 292 -25.42 3.50 -24.27
CA LYS B 292 -25.40 4.57 -23.30
C LYS B 292 -24.16 5.43 -23.47
N ALA B 293 -23.00 4.77 -23.61
CA ALA B 293 -21.76 5.50 -23.82
C ALA B 293 -21.90 6.45 -25.04
N TYR B 294 -22.47 5.97 -26.14
CA TYR B 294 -22.56 6.83 -27.33
C TYR B 294 -23.46 8.03 -27.02
N LYS B 295 -24.54 7.80 -26.28
CA LYS B 295 -25.43 8.88 -25.91
C LYS B 295 -24.72 9.90 -25.01
N GLN B 296 -23.94 9.40 -24.06
CA GLN B 296 -23.28 10.29 -23.12
C GLN B 296 -22.15 11.06 -23.76
N ILE B 297 -21.47 10.42 -24.74
CA ILE B 297 -20.41 11.09 -25.48
C ILE B 297 -21.02 12.22 -26.31
N ASP B 298 -22.08 11.89 -27.02
CA ASP B 298 -22.83 12.89 -27.77
C ASP B 298 -23.26 14.04 -26.85
N ALA B 299 -23.76 13.73 -25.63
CA ALA B 299 -24.21 14.80 -24.73
C ALA B 299 -23.06 15.70 -24.29
N ARG B 300 -21.82 15.21 -24.41
CA ARG B 300 -20.68 16.02 -24.00
C ARG B 300 -20.09 16.80 -25.17
N GLY B 301 -20.68 16.68 -26.37
CA GLY B 301 -20.21 17.42 -27.54
C GLY B 301 -19.52 16.52 -28.58
N GLY B 302 -19.54 15.21 -28.41
CA GLY B 302 -18.98 14.28 -29.36
C GLY B 302 -17.51 14.04 -29.07
N ASN B 303 -17.00 12.91 -29.54
CA ASN B 303 -15.61 12.53 -29.32
C ASN B 303 -15.28 11.36 -30.25
N PRO B 304 -14.86 11.64 -31.51
CA PRO B 304 -14.68 10.57 -32.50
C PRO B 304 -13.73 9.49 -32.03
N GLU B 305 -12.63 9.89 -31.38
CA GLU B 305 -11.64 8.93 -30.91
C GLU B 305 -12.27 7.99 -29.88
N LEU B 306 -13.07 8.51 -28.93
CA LEU B 306 -13.64 7.68 -27.89
C LEU B 306 -14.74 6.80 -28.49
N VAL B 307 -15.49 7.37 -29.43
CA VAL B 307 -16.55 6.59 -30.07
C VAL B 307 -15.91 5.42 -30.81
N ALA B 308 -14.81 5.70 -31.55
CA ALA B 308 -14.18 4.65 -32.34
C ALA B 308 -13.64 3.56 -31.43
N LEU B 309 -13.08 3.97 -30.30
CA LEU B 309 -12.57 2.99 -29.36
C LEU B 309 -13.67 2.10 -28.78
N VAL B 310 -14.77 2.70 -28.33
CA VAL B 310 -15.90 1.94 -27.84
C VAL B 310 -16.39 0.99 -28.93
N LYS B 311 -16.52 1.46 -30.16
CA LYS B 311 -17.02 0.62 -31.24
C LYS B 311 -16.12 -0.59 -31.49
N HIS B 312 -14.82 -0.36 -31.56
CA HIS B 312 -13.88 -1.43 -31.74
C HIS B 312 -14.03 -2.44 -30.60
N LEU B 313 -14.03 -1.97 -29.34
CA LEU B 313 -14.14 -2.85 -28.19
C LEU B 313 -15.46 -3.60 -28.20
N SER B 314 -16.50 -3.01 -28.81
CA SER B 314 -17.81 -3.62 -28.85
C SER B 314 -17.92 -4.79 -29.81
N LYS B 315 -16.92 -4.97 -30.70
CA LYS B 315 -16.91 -6.12 -31.60
C LYS B 315 -16.84 -7.43 -30.82
N MET B 316 -16.09 -7.44 -29.73
CA MET B 316 -15.93 -8.60 -28.87
C MET B 316 -17.26 -9.29 -28.54
N PHE B 317 -18.38 -8.56 -28.48
CA PHE B 317 -19.62 -9.18 -28.02
C PHE B 317 -20.70 -9.14 -29.11
N LYS B 318 -20.31 -9.05 -30.38
CA LYS B 318 -21.30 -8.92 -31.45
C LYS B 318 -21.47 -10.26 -32.21
#